data_7DWH
#
_entry.id   7DWH
#
_cell.length_a   62.923
_cell.length_b   77.305
_cell.length_c   101.469
_cell.angle_alpha   90.000
_cell.angle_beta   93.240
_cell.angle_gamma   90.000
#
_symmetry.space_group_name_H-M   'P 1 21 1'
#
loop_
_entity.id
_entity.type
_entity.pdbx_description
1 polymer 'U1 small nuclear ribonucleoprotein A'
2 polymer 'RNA (45-MER)'
3 non-polymer 'COPPER (II) ION'
4 non-polymer S-ADENOSYLMETHIONINE
5 water water
#
loop_
_entity_poly.entity_id
_entity_poly.type
_entity_poly.pdbx_seq_one_letter_code
_entity_poly.pdbx_strand_id
1 'polypeptide(L)'
;MAVPETRPNHTIYINNLNEKIKKDELKKSLYAIFSQFGQILDILVSRSLKMRGQAFVIFKEVSSATNALRSMQGFPFYDK
PMRIQYAKTDSDIIAKMKGTFV
;
A,B,C,D
2 'polyribonucleotide' GGACCUACUACGAGCGCCAUUGCACUCCGGCGCCACGGGGGGUCC X,Y
#
# COMPACT_ATOMS: atom_id res chain seq x y z
N THR A 6 -14.52 10.89 -13.25
CA THR A 6 -15.17 10.50 -12.01
C THR A 6 -16.10 9.31 -12.24
N ARG A 7 -16.33 8.98 -13.51
CA ARG A 7 -17.21 7.89 -13.89
C ARG A 7 -16.43 6.78 -14.57
N PRO A 8 -16.91 5.52 -14.48
CA PRO A 8 -16.15 4.39 -15.04
C PRO A 8 -15.66 4.59 -16.46
N ASN A 9 -14.44 5.11 -16.58
CA ASN A 9 -13.76 5.27 -17.85
C ASN A 9 -12.94 4.01 -18.18
N HIS A 10 -12.61 3.86 -19.46
CA HIS A 10 -11.80 2.72 -19.88
C HIS A 10 -10.35 2.87 -19.43
N THR A 11 -9.89 4.11 -19.28
CA THR A 11 -8.58 4.42 -18.76
C THR A 11 -8.64 4.72 -17.27
N ILE A 12 -7.60 4.33 -16.54
CA ILE A 12 -7.44 4.72 -15.14
C ILE A 12 -6.26 5.68 -15.07
N TYR A 13 -6.39 6.69 -14.22
CA TYR A 13 -5.38 7.73 -14.06
C TYR A 13 -4.62 7.47 -12.77
N ILE A 14 -3.33 7.17 -12.89
CA ILE A 14 -2.48 6.91 -11.75
C ILE A 14 -1.52 8.09 -11.56
N ASN A 15 -1.38 8.54 -10.31
CA ASN A 15 -0.40 9.55 -9.96
C ASN A 15 0.23 9.14 -8.63
N ASN A 16 1.09 10.00 -8.11
CA ASN A 16 1.95 9.66 -6.97
C ASN A 16 2.86 8.48 -7.32
N LEU A 17 3.38 8.48 -8.54
CA LEU A 17 4.32 7.46 -8.98
C LEU A 17 5.75 7.90 -8.65
N ASN A 18 6.63 6.91 -8.53
CA ASN A 18 8.03 7.21 -8.23
C ASN A 18 8.67 7.84 -9.47
N GLU A 19 9.02 9.12 -9.37
CA GLU A 19 9.48 9.84 -10.56
C GLU A 19 10.86 9.40 -11.04
N LYS A 20 11.66 8.77 -10.19
CA LYS A 20 13.03 8.40 -10.54
C LYS A 20 13.10 7.25 -11.54
N ILE A 21 11.98 6.62 -11.90
CA ILE A 21 11.98 5.40 -12.69
C ILE A 21 11.87 5.76 -14.18
N LYS A 22 12.62 5.03 -15.02
CA LYS A 22 12.62 5.27 -16.45
C LYS A 22 11.25 4.98 -17.06
N LYS A 23 10.99 5.62 -18.21
CA LYS A 23 9.69 5.53 -18.86
C LYS A 23 9.36 4.10 -19.29
N ASP A 24 10.31 3.42 -19.93
CA ASP A 24 10.03 2.06 -20.39
C ASP A 24 9.95 1.10 -19.21
N GLU A 25 10.82 1.24 -18.21
CA GLU A 25 10.74 0.40 -17.03
C GLU A 25 9.38 0.55 -16.34
N LEU A 26 8.90 1.80 -16.23
CA LEU A 26 7.59 2.04 -15.61
C LEU A 26 6.48 1.42 -16.44
N LYS A 27 6.49 1.66 -17.75
CA LYS A 27 5.49 1.06 -18.64
C LYS A 27 5.43 -0.45 -18.43
N LYS A 28 6.59 -1.10 -18.45
CA LYS A 28 6.63 -2.56 -18.33
C LYS A 28 6.27 -3.01 -16.91
N SER A 29 6.69 -2.24 -15.90
CA SER A 29 6.36 -2.62 -14.53
C SER A 29 4.88 -2.48 -14.25
N LEU A 30 4.23 -1.48 -14.83
CA LEU A 30 2.79 -1.36 -14.66
C LEU A 30 2.07 -2.51 -15.33
N TYR A 31 2.49 -2.87 -16.56
CA TYR A 31 1.89 -4.01 -17.23
C TYR A 31 2.03 -5.28 -16.40
N ALA A 32 3.13 -5.42 -15.67
CA ALA A 32 3.33 -6.59 -14.82
C ALA A 32 2.23 -6.71 -13.79
N ILE A 33 1.70 -5.59 -13.33
CA ILE A 33 0.72 -5.58 -12.25
C ILE A 33 -0.71 -5.57 -12.79
N PHE A 34 -0.98 -4.77 -13.82
CA PHE A 34 -2.34 -4.57 -14.30
C PHE A 34 -2.78 -5.53 -15.39
N SER A 35 -1.88 -6.39 -15.89
CA SER A 35 -2.28 -7.38 -16.88
C SER A 35 -3.25 -8.39 -16.28
N GLN A 36 -3.22 -8.58 -14.96
CA GLN A 36 -4.06 -9.60 -14.32
C GLN A 36 -5.54 -9.31 -14.49
N PHE A 37 -5.91 -8.04 -14.66
CA PHE A 37 -7.32 -7.66 -14.64
C PHE A 37 -7.99 -7.79 -16.00
N GLY A 38 -7.22 -7.94 -17.06
CA GLY A 38 -7.77 -8.09 -18.38
C GLY A 38 -6.75 -7.63 -19.40
N GLN A 39 -7.23 -7.44 -20.62
CA GLN A 39 -6.36 -7.03 -21.71
C GLN A 39 -6.16 -5.52 -21.67
N ILE A 40 -4.90 -5.10 -21.69
CA ILE A 40 -4.54 -3.69 -21.72
C ILE A 40 -4.24 -3.29 -23.15
N LEU A 41 -4.73 -2.12 -23.55
CA LEU A 41 -4.47 -1.62 -24.89
C LEU A 41 -3.16 -0.83 -24.94
N ASP A 42 -3.01 0.15 -24.04
CA ASP A 42 -1.79 0.93 -23.98
C ASP A 42 -1.57 1.41 -22.56
N ILE A 43 -0.30 1.74 -22.27
CA ILE A 43 0.07 2.37 -21.01
C ILE A 43 0.87 3.61 -21.40
N LEU A 44 0.30 4.78 -21.18
CA LEU A 44 0.96 6.02 -21.58
C LEU A 44 1.74 6.60 -20.41
N VAL A 45 3.00 6.92 -20.67
CA VAL A 45 3.91 7.43 -19.65
C VAL A 45 4.70 8.59 -20.26
N SER A 46 4.69 9.73 -19.58
CA SER A 46 5.46 10.89 -19.99
C SER A 46 6.27 11.36 -18.80
N ARG A 47 7.55 11.53 -18.97
CA ARG A 47 8.36 11.94 -17.88
C ARG A 47 8.65 13.39 -17.99
N SER A 48 7.70 14.13 -18.47
CA SER A 48 7.76 15.58 -18.61
C SER A 48 7.25 16.25 -17.34
N LEU A 49 7.80 17.42 -17.06
CA LEU A 49 7.43 18.18 -15.87
C LEU A 49 5.93 18.23 -15.64
N LYS A 50 5.14 18.43 -16.70
CA LYS A 50 3.69 18.49 -16.53
C LYS A 50 3.10 17.12 -16.19
N MET A 51 3.53 16.06 -16.88
CA MET A 51 2.94 14.75 -16.69
C MET A 51 3.86 13.73 -16.06
N ARG A 52 4.82 14.16 -15.23
CA ARG A 52 5.66 13.17 -14.60
C ARG A 52 5.02 12.64 -13.33
N GLY A 53 5.46 11.45 -12.92
CA GLY A 53 4.84 10.79 -11.78
C GLY A 53 3.42 10.39 -12.02
N GLN A 54 3.02 10.28 -13.30
CA GLN A 54 1.66 9.97 -13.69
C GLN A 54 1.71 8.93 -14.79
N ALA A 55 0.59 8.22 -14.95
CA ALA A 55 0.49 7.20 -15.98
C ALA A 55 -0.98 6.97 -16.28
N PHE A 56 -1.25 6.54 -17.50
CA PHE A 56 -2.59 6.17 -17.95
C PHE A 56 -2.55 4.71 -18.38
N VAL A 57 -3.48 3.92 -17.86
CA VAL A 57 -3.58 2.52 -18.24
C VAL A 57 -4.93 2.33 -18.93
N ILE A 58 -4.88 1.94 -20.20
CA ILE A 58 -6.08 1.84 -21.02
C ILE A 58 -6.45 0.38 -21.12
N PHE A 59 -7.62 0.03 -20.61
CA PHE A 59 -8.12 -1.33 -20.66
C PHE A 59 -9.15 -1.44 -21.78
N LYS A 60 -9.27 -2.65 -22.31
CA LYS A 60 -10.30 -2.88 -23.33
C LYS A 60 -11.68 -2.79 -22.71
N GLU A 61 -11.89 -3.44 -21.56
CA GLU A 61 -13.18 -3.50 -20.90
C GLU A 61 -13.15 -2.65 -19.64
N VAL A 62 -14.30 -2.04 -19.33
CA VAL A 62 -14.39 -1.25 -18.12
C VAL A 62 -14.37 -2.16 -16.89
N SER A 63 -14.88 -3.39 -17.03
CA SER A 63 -14.83 -4.34 -15.93
C SER A 63 -13.40 -4.54 -15.44
N SER A 64 -12.44 -4.60 -16.37
CA SER A 64 -11.03 -4.69 -15.99
C SER A 64 -10.59 -3.43 -15.25
N ALA A 65 -10.95 -2.26 -15.79
CA ALA A 65 -10.55 -1.00 -15.17
C ALA A 65 -11.16 -0.86 -13.79
N THR A 66 -12.43 -1.27 -13.63
CA THR A 66 -13.06 -1.21 -12.33
C THR A 66 -12.33 -2.08 -11.32
N ASN A 67 -12.08 -3.34 -11.69
CA ASN A 67 -11.33 -4.23 -10.81
C ASN A 67 -9.92 -3.70 -10.53
N ALA A 68 -9.31 -3.01 -11.49
CA ALA A 68 -7.97 -2.49 -11.31
C ALA A 68 -7.95 -1.39 -10.25
N LEU A 69 -8.87 -0.43 -10.34
CA LEU A 69 -8.99 0.58 -9.30
C LEU A 69 -9.37 -0.09 -7.98
N ARG A 70 -10.30 -1.05 -8.04
CA ARG A 70 -10.77 -1.77 -6.86
C ARG A 70 -9.62 -2.44 -6.13
N SER A 71 -8.75 -3.14 -6.85
CA SER A 71 -7.74 -3.97 -6.20
C SER A 71 -6.45 -3.20 -5.87
N MET A 72 -5.88 -2.52 -6.86
CA MET A 72 -4.55 -1.94 -6.71
C MET A 72 -4.55 -0.53 -6.12
N GLN A 73 -5.68 -0.05 -5.61
CA GLN A 73 -5.71 1.28 -5.03
C GLN A 73 -4.78 1.38 -3.83
N GLY A 74 -4.05 2.49 -3.76
CA GLY A 74 -3.11 2.73 -2.68
C GLY A 74 -1.98 1.72 -2.60
N PHE A 75 -1.75 0.96 -3.66
CA PHE A 75 -0.72 -0.07 -3.64
C PHE A 75 0.66 0.56 -3.70
N PRO A 76 1.55 0.28 -2.75
CA PRO A 76 2.91 0.83 -2.82
C PRO A 76 3.72 0.26 -3.98
N PHE A 77 3.95 1.10 -5.00
CA PHE A 77 4.62 0.73 -6.24
C PHE A 77 5.93 1.49 -6.31
N TYR A 78 7.05 0.77 -6.26
CA TYR A 78 8.38 1.37 -6.09
C TYR A 78 8.46 2.17 -4.79
N ASP A 79 7.91 1.59 -3.72
CA ASP A 79 7.86 2.16 -2.37
C ASP A 79 7.02 3.43 -2.28
N LYS A 80 6.34 3.82 -3.35
CA LYS A 80 5.43 4.97 -3.34
C LYS A 80 4.01 4.47 -3.60
N PRO A 81 3.07 4.68 -2.69
CA PRO A 81 1.70 4.17 -2.91
C PRO A 81 1.00 4.96 -4.00
N MET A 82 0.54 4.26 -5.03
CA MET A 82 -0.10 4.94 -6.14
C MET A 82 -1.54 5.28 -5.80
N ARG A 83 -2.01 6.39 -6.36
CA ARG A 83 -3.36 6.88 -6.14
C ARG A 83 -4.09 6.80 -7.47
N ILE A 84 -5.05 5.89 -7.57
CA ILE A 84 -5.70 5.56 -8.83
C ILE A 84 -7.04 6.28 -8.90
N GLN A 85 -7.32 6.88 -10.06
CA GLN A 85 -8.62 7.46 -10.35
C GLN A 85 -9.11 6.93 -11.68
N TYR A 86 -10.41 7.10 -11.92
CA TYR A 86 -10.91 7.02 -13.28
C TYR A 86 -10.47 8.27 -14.03
N ALA A 87 -10.15 8.11 -15.31
CA ALA A 87 -9.71 9.26 -16.07
C ALA A 87 -10.92 10.16 -16.37
N LYS A 88 -10.66 11.46 -16.45
CA LYS A 88 -11.75 12.39 -16.74
C LYS A 88 -12.28 12.18 -18.15
N THR A 89 -11.41 12.30 -19.13
CA THR A 89 -11.79 12.17 -20.53
C THR A 89 -11.54 10.76 -21.02
N ASP A 90 -12.08 10.46 -22.20
CA ASP A 90 -11.78 9.20 -22.82
C ASP A 90 -10.42 9.27 -23.50
N SER A 91 -9.83 8.14 -23.77
CA SER A 91 -8.58 8.17 -24.45
C SER A 91 -8.85 8.29 -25.90
N ASP A 92 -7.89 8.81 -26.65
CA ASP A 92 -8.05 8.94 -28.08
C ASP A 92 -8.24 7.59 -28.68
N ILE A 93 -7.51 6.57 -28.28
CA ILE A 93 -7.76 5.24 -28.78
C ILE A 93 -9.15 4.75 -28.42
N ILE A 94 -9.64 5.09 -27.25
CA ILE A 94 -10.97 4.75 -26.86
C ILE A 94 -11.95 5.56 -27.71
N ALA A 95 -11.67 6.81 -27.97
CA ALA A 95 -12.60 7.63 -28.70
C ALA A 95 -12.89 7.13 -30.08
N LYS A 96 -11.89 6.66 -30.78
CA LYS A 96 -12.14 6.16 -32.10
C LYS A 96 -13.07 4.97 -32.09
N MET A 97 -12.97 4.09 -31.09
CA MET A 97 -13.81 2.90 -31.04
C MET A 97 -15.25 3.37 -30.98
N LYS A 98 -15.48 4.40 -30.18
CA LYS A 98 -16.82 4.98 -30.01
C LYS A 98 -17.14 6.03 -31.07
N GLY A 99 -16.18 6.89 -31.37
CA GLY A 99 -16.36 7.93 -32.35
C GLY A 99 -16.83 9.14 -31.59
N THR A 100 -15.97 10.12 -31.37
CA THR A 100 -16.34 11.37 -30.71
C THR A 100 -15.27 12.40 -30.93
N PRO B 8 7.21 26.56 2.23
CA PRO B 8 7.73 25.54 3.09
C PRO B 8 7.57 25.88 4.54
N ASN B 9 6.34 26.07 5.00
CA ASN B 9 6.09 26.37 6.40
C ASN B 9 6.16 25.12 7.20
N HIS B 10 6.39 25.22 8.50
CA HIS B 10 6.41 24.03 9.32
C HIS B 10 5.04 23.44 9.36
N THR B 11 4.05 24.29 9.50
CA THR B 11 2.68 23.86 9.55
C THR B 11 2.26 23.35 8.20
N ILE B 12 1.41 22.34 8.14
CA ILE B 12 0.94 21.93 6.84
C ILE B 12 -0.54 22.08 6.84
N TYR B 13 -1.08 22.39 5.69
CA TYR B 13 -2.51 22.65 5.60
C TYR B 13 -3.16 21.47 4.89
N ILE B 14 -4.03 20.76 5.60
CA ILE B 14 -4.76 19.63 5.07
C ILE B 14 -6.21 20.04 4.88
N ASN B 15 -6.78 19.71 3.72
CA ASN B 15 -8.18 19.95 3.42
C ASN B 15 -8.74 18.75 2.68
N ASN B 16 -10.00 18.87 2.26
CA ASN B 16 -10.76 17.75 1.69
C ASN B 16 -10.84 16.59 2.69
N LEU B 17 -11.04 16.95 3.95
CA LEU B 17 -11.18 15.98 5.03
C LEU B 17 -12.64 15.57 5.17
N ASN B 18 -12.86 14.42 5.77
CA ASN B 18 -14.22 13.94 5.98
C ASN B 18 -14.87 14.81 7.05
N GLU B 19 -15.84 15.63 6.65
CA GLU B 19 -16.42 16.62 7.54
C GLU B 19 -17.29 16.01 8.63
N LYS B 20 -17.77 14.78 8.42
CA LYS B 20 -18.68 14.12 9.34
C LYS B 20 -18.01 13.73 10.67
N ILE B 21 -16.68 13.87 10.78
CA ILE B 21 -15.94 13.37 11.94
C ILE B 21 -15.83 14.47 12.98
N LYS B 22 -16.00 14.09 14.25
CA LYS B 22 -15.91 15.04 15.35
C LYS B 22 -14.51 15.64 15.47
N LYS B 23 -14.45 16.83 16.06
CA LYS B 23 -13.18 17.55 16.15
C LYS B 23 -12.16 16.80 17.00
N ASP B 24 -12.58 16.28 18.15
CA ASP B 24 -11.65 15.61 19.04
C ASP B 24 -11.19 14.28 18.45
N GLU B 25 -12.10 13.50 17.88
CA GLU B 25 -11.71 12.27 17.21
C GLU B 25 -10.74 12.53 16.07
N LEU B 26 -11.01 13.56 15.28
CA LEU B 26 -10.19 13.87 14.12
C LEU B 26 -8.77 14.23 14.54
N LYS B 27 -8.64 15.11 15.54
CA LYS B 27 -7.33 15.52 16.02
C LYS B 27 -6.47 14.30 16.37
N LYS B 28 -7.02 13.36 17.14
CA LYS B 28 -6.25 12.20 17.54
C LYS B 28 -5.99 11.28 16.36
N SER B 29 -6.93 11.20 15.42
CA SER B 29 -6.74 10.35 14.26
C SER B 29 -5.64 10.89 13.36
N LEU B 30 -5.52 12.21 13.26
CA LEU B 30 -4.43 12.80 12.48
C LEU B 30 -3.08 12.55 13.14
N TYR B 31 -3.00 12.73 14.46
CA TYR B 31 -1.76 12.47 15.16
C TYR B 31 -1.29 11.03 14.97
N ALA B 32 -2.23 10.10 14.84
CA ALA B 32 -1.86 8.70 14.64
C ALA B 32 -1.02 8.50 13.39
N ILE B 33 -1.26 9.31 12.36
CA ILE B 33 -0.59 9.13 11.08
C ILE B 33 0.66 9.99 10.98
N PHE B 34 0.58 11.23 11.46
CA PHE B 34 1.66 12.19 11.23
C PHE B 34 2.71 12.19 12.33
N SER B 35 2.53 11.39 13.39
CA SER B 35 3.55 11.33 14.45
C SER B 35 4.85 10.75 13.92
N GLN B 36 4.79 9.94 12.87
CA GLN B 36 5.99 9.26 12.37
C GLN B 36 7.02 10.23 11.81
N PHE B 37 6.62 11.41 11.37
CA PHE B 37 7.51 12.30 10.65
C PHE B 37 8.36 13.19 11.55
N GLY B 38 8.04 13.30 12.83
CA GLY B 38 8.81 14.14 13.71
C GLY B 38 7.97 14.58 14.90
N GLN B 39 8.47 15.62 15.58
CA GLN B 39 7.80 16.14 16.76
C GLN B 39 6.66 17.06 16.32
N ILE B 40 5.44 16.76 16.77
CA ILE B 40 4.27 17.58 16.47
C ILE B 40 3.97 18.42 17.70
N LEU B 41 3.72 19.71 17.49
CA LEU B 41 3.39 20.60 18.60
C LEU B 41 1.89 20.64 18.86
N ASP B 42 1.10 20.97 17.83
CA ASP B 42 -0.35 20.98 17.99
C ASP B 42 -1.01 20.69 16.66
N ILE B 43 -2.24 20.21 16.72
CA ILE B 43 -3.10 20.01 15.57
C ILE B 43 -4.44 20.67 15.87
N LEU B 44 -4.70 21.82 15.26
CA LEU B 44 -5.92 22.58 15.48
C LEU B 44 -6.94 22.26 14.40
N VAL B 45 -8.17 21.99 14.81
CA VAL B 45 -9.23 21.66 13.87
C VAL B 45 -10.46 22.47 14.27
N SER B 46 -10.95 23.30 13.35
CA SER B 46 -12.21 24.01 13.53
C SER B 46 -13.29 23.27 12.75
N ARG B 47 -14.39 22.99 13.38
CA ARG B 47 -15.45 22.35 12.66
C ARG B 47 -16.44 23.36 12.16
N SER B 48 -16.01 24.61 12.10
CA SER B 48 -16.79 25.75 11.67
C SER B 48 -17.09 25.73 10.22
N LEU B 49 -18.06 26.49 9.78
CA LEU B 49 -18.34 26.51 8.36
C LEU B 49 -17.17 27.05 7.59
N LYS B 50 -16.51 28.08 8.07
CA LYS B 50 -15.38 28.61 7.35
C LYS B 50 -14.29 27.61 7.20
N MET B 51 -14.01 26.82 8.22
CA MET B 51 -12.93 25.86 8.15
C MET B 51 -13.24 24.40 8.46
N ARG B 52 -14.35 23.89 7.94
CA ARG B 52 -14.81 22.54 8.22
C ARG B 52 -13.94 21.32 7.88
N GLY B 53 -13.56 21.16 6.62
CA GLY B 53 -12.84 20.01 6.20
C GLY B 53 -11.45 20.47 6.25
N GLN B 54 -10.98 20.96 7.36
CA GLN B 54 -9.62 21.43 7.26
C GLN B 54 -8.91 21.22 8.60
N ALA B 55 -7.58 21.21 8.53
CA ALA B 55 -6.78 21.01 9.73
C ALA B 55 -5.38 21.55 9.48
N PHE B 56 -4.71 21.95 10.56
CA PHE B 56 -3.34 22.41 10.50
C PHE B 56 -2.51 21.51 11.41
N VAL B 57 -1.42 20.97 10.86
CA VAL B 57 -0.50 20.10 11.60
C VAL B 57 0.85 20.79 11.65
N ILE B 58 1.32 21.06 12.87
CA ILE B 58 2.54 21.84 13.07
C ILE B 58 3.65 20.88 13.45
N PHE B 59 4.70 20.83 12.62
CA PHE B 59 5.87 20.01 12.89
C PHE B 59 6.97 20.89 13.45
N LYS B 60 7.84 20.29 14.27
CA LYS B 60 8.93 21.06 14.84
C LYS B 60 9.96 21.44 13.77
N GLU B 61 10.36 20.48 12.94
CA GLU B 61 11.37 20.70 11.92
C GLU B 61 10.74 20.73 10.54
N VAL B 62 11.34 21.52 9.64
CA VAL B 62 10.80 21.60 8.29
C VAL B 62 11.00 20.28 7.54
N SER B 63 12.06 19.54 7.86
CA SER B 63 12.25 18.23 7.27
C SER B 63 11.05 17.32 7.55
N SER B 64 10.48 17.43 8.74
CA SER B 64 9.31 16.64 9.09
C SER B 64 8.10 17.01 8.23
N ALA B 65 7.80 18.32 8.14
CA ALA B 65 6.64 18.75 7.37
C ALA B 65 6.77 18.38 5.90
N THR B 66 7.97 18.56 5.34
CA THR B 66 8.20 18.19 3.95
C THR B 66 7.97 16.70 3.74
N ASN B 67 8.57 15.86 4.59
CA ASN B 67 8.40 14.42 4.48
C ASN B 67 6.92 14.02 4.63
N ALA B 68 6.17 14.75 5.46
CA ALA B 68 4.75 14.43 5.63
C ALA B 68 3.97 14.76 4.37
N LEU B 69 4.18 15.96 3.83
CA LEU B 69 3.52 16.34 2.59
C LEU B 69 3.93 15.41 1.46
N ARG B 70 5.21 15.07 1.39
CA ARG B 70 5.74 14.16 0.38
C ARG B 70 5.02 12.81 0.43
N SER B 71 4.86 12.25 1.63
CA SER B 71 4.40 10.87 1.78
C SER B 71 2.87 10.74 1.81
N MET B 72 2.21 11.51 2.67
CA MET B 72 0.79 11.34 2.93
C MET B 72 -0.10 12.10 1.96
N GLN B 73 0.45 12.63 0.88
CA GLN B 73 -0.38 13.33 -0.09
C GLN B 73 -1.37 12.35 -0.73
N GLY B 74 -2.60 12.82 -0.92
CA GLY B 74 -3.65 12.00 -1.50
C GLY B 74 -4.04 10.78 -0.69
N PHE B 75 -3.67 10.72 0.57
CA PHE B 75 -3.98 9.55 1.38
C PHE B 75 -5.45 9.50 1.73
N PRO B 76 -6.18 8.43 1.42
CA PRO B 76 -7.59 8.35 1.81
C PRO B 76 -7.78 8.25 3.30
N PHE B 77 -8.25 9.34 3.89
CA PHE B 77 -8.42 9.49 5.33
C PHE B 77 -9.90 9.55 5.63
N TYR B 78 -10.41 8.50 6.28
CA TYR B 78 -11.85 8.28 6.41
C TYR B 78 -12.50 8.18 5.04
N ASP B 79 -11.86 7.44 4.14
CA ASP B 79 -12.26 7.22 2.76
C ASP B 79 -12.20 8.48 1.90
N LYS B 80 -11.66 9.58 2.41
CA LYS B 80 -11.49 10.79 1.62
C LYS B 80 -10.01 11.12 1.45
N PRO B 81 -9.49 11.21 0.22
CA PRO B 81 -8.06 11.48 0.02
C PRO B 81 -7.70 12.89 0.44
N MET B 82 -6.68 13.01 1.29
CA MET B 82 -6.28 14.29 1.82
C MET B 82 -5.50 15.10 0.79
N ARG B 83 -5.67 16.42 0.85
CA ARG B 83 -4.96 17.35 -0.02
C ARG B 83 -4.11 18.25 0.89
N ILE B 84 -2.80 18.03 0.87
CA ILE B 84 -1.89 18.69 1.79
C ILE B 84 -1.16 19.80 1.05
N GLN B 85 -1.08 20.98 1.68
CA GLN B 85 -0.26 22.06 1.17
C GLN B 85 0.60 22.61 2.30
N TYR B 86 1.64 23.36 1.92
CA TYR B 86 2.32 24.21 2.88
C TYR B 86 1.41 25.38 3.24
N ALA B 87 1.45 25.81 4.48
CA ALA B 87 0.57 26.87 4.91
C ALA B 87 1.02 28.18 4.37
N LYS B 88 0.09 29.08 4.09
CA LYS B 88 0.49 30.37 3.57
C LYS B 88 1.32 31.14 4.58
N THR B 89 0.92 31.11 5.83
CA THR B 89 1.61 31.86 6.85
C THR B 89 2.33 30.98 7.85
N ASP B 90 3.37 31.51 8.46
CA ASP B 90 4.14 30.77 9.45
C ASP B 90 3.43 30.75 10.80
N SER B 91 3.60 29.66 11.54
CA SER B 91 2.98 29.52 12.85
C SER B 91 3.93 29.92 13.97
N ASP B 92 3.37 30.26 15.12
CA ASP B 92 4.17 30.67 16.27
C ASP B 92 5.21 29.61 16.62
N THR C 6 9.09 -23.93 6.51
CA THR C 6 10.54 -23.84 6.69
C THR C 6 10.82 -22.90 7.86
N ARG C 7 11.98 -22.25 7.86
CA ARG C 7 12.40 -21.37 8.94
C ARG C 7 12.62 -19.96 8.41
N PRO C 8 12.30 -18.93 9.20
CA PRO C 8 12.35 -17.55 8.71
C PRO C 8 13.71 -17.10 8.21
N ASN C 9 13.93 -17.19 6.91
CA ASN C 9 15.12 -16.64 6.29
C ASN C 9 14.87 -15.22 5.80
N HIS C 10 15.97 -14.48 5.65
CA HIS C 10 15.86 -13.14 5.09
C HIS C 10 15.62 -13.19 3.59
N THR C 11 15.95 -14.30 2.94
CA THR C 11 15.66 -14.50 1.52
C THR C 11 14.33 -15.22 1.37
N ILE C 12 13.56 -14.83 0.35
CA ILE C 12 12.34 -15.52 -0.03
C ILE C 12 12.53 -16.16 -1.40
N TYR C 13 11.97 -17.35 -1.57
CA TYR C 13 12.03 -18.10 -2.80
C TYR C 13 10.69 -18.02 -3.51
N ILE C 14 10.69 -17.39 -4.68
CA ILE C 14 9.49 -17.23 -5.49
C ILE C 14 9.56 -18.17 -6.68
N ASN C 15 8.46 -18.86 -6.95
CA ASN C 15 8.35 -19.68 -8.14
C ASN C 15 6.96 -19.49 -8.74
N ASN C 16 6.68 -20.24 -9.80
CA ASN C 16 5.48 -20.05 -10.62
C ASN C 16 5.46 -18.66 -11.27
N LEU C 17 6.60 -18.24 -11.80
CA LEU C 17 6.72 -16.97 -12.49
C LEU C 17 6.38 -17.13 -13.96
N ASN C 18 5.99 -16.02 -14.59
CA ASN C 18 5.64 -16.03 -16.01
C ASN C 18 6.90 -16.22 -16.84
N GLU C 19 6.99 -17.36 -17.53
CA GLU C 19 8.21 -17.75 -18.22
C GLU C 19 8.49 -16.90 -19.45
N LYS C 20 7.48 -16.26 -20.03
CA LYS C 20 7.67 -15.50 -21.25
C LYS C 20 8.44 -14.20 -21.04
N ILE C 21 8.72 -13.81 -19.79
CA ILE C 21 9.27 -12.50 -19.48
C ILE C 21 10.79 -12.57 -19.45
N LYS C 22 11.43 -11.57 -20.03
CA LYS C 22 12.88 -11.49 -20.06
C LYS C 22 13.45 -11.34 -18.65
N LYS C 23 14.70 -11.74 -18.49
CA LYS C 23 15.35 -11.68 -17.17
C LYS C 23 15.48 -10.24 -16.69
N ASP C 24 15.84 -9.32 -17.58
CA ASP C 24 16.04 -7.93 -17.17
C ASP C 24 14.72 -7.30 -16.76
N GLU C 25 13.67 -7.51 -17.55
CA GLU C 25 12.36 -7.00 -17.18
C GLU C 25 11.87 -7.60 -15.87
N LEU C 26 12.07 -8.91 -15.70
CA LEU C 26 11.55 -9.59 -14.50
C LEU C 26 12.19 -9.05 -13.23
N LYS C 27 13.53 -8.97 -13.20
CA LYS C 27 14.21 -8.43 -12.03
C LYS C 27 13.71 -7.04 -11.67
N LYS C 28 13.60 -6.16 -12.67
CA LYS C 28 13.17 -4.80 -12.39
C LYS C 28 11.70 -4.76 -11.97
N SER C 29 10.86 -5.62 -12.56
CA SER C 29 9.46 -5.63 -12.17
C SER C 29 9.27 -6.21 -10.76
N LEU C 30 10.09 -7.19 -10.36
CA LEU C 30 10.01 -7.68 -9.00
C LEU C 30 10.43 -6.62 -8.00
N TYR C 31 11.50 -5.88 -8.31
CA TYR C 31 11.93 -4.80 -7.44
C TYR C 31 10.82 -3.77 -7.24
N ALA C 32 9.98 -3.57 -8.27
CA ALA C 32 8.88 -2.62 -8.15
C ALA C 32 7.93 -2.98 -7.01
N ILE C 33 7.76 -4.27 -6.74
CA ILE C 33 6.77 -4.71 -5.76
C ILE C 33 7.39 -4.89 -4.37
N PHE C 34 8.58 -5.45 -4.29
CA PHE C 34 9.16 -5.85 -3.03
C PHE C 34 10.00 -4.76 -2.36
N SER C 35 10.22 -3.63 -3.03
CA SER C 35 10.99 -2.56 -2.39
C SER C 35 10.28 -2.00 -1.17
N GLN C 36 8.96 -2.10 -1.12
CA GLN C 36 8.22 -1.48 -0.02
C GLN C 36 8.54 -2.12 1.32
N PHE C 37 8.95 -3.39 1.33
CA PHE C 37 9.08 -4.12 2.57
C PHE C 37 10.42 -3.89 3.26
N GLY C 38 11.38 -3.29 2.57
CA GLY C 38 12.67 -3.02 3.17
C GLY C 38 13.72 -2.90 2.09
N GLN C 39 14.97 -2.98 2.54
CA GLN C 39 16.11 -2.87 1.64
C GLN C 39 16.40 -4.22 0.99
N ILE C 40 16.50 -4.23 -0.33
CA ILE C 40 16.84 -5.42 -1.08
C ILE C 40 18.31 -5.39 -1.44
N LEU C 41 19.00 -6.51 -1.23
CA LEU C 41 20.40 -6.66 -1.55
C LEU C 41 20.62 -7.13 -2.98
N ASP C 42 19.93 -8.21 -3.36
CA ASP C 42 20.05 -8.75 -4.71
C ASP C 42 18.72 -9.39 -5.08
N ILE C 43 18.49 -9.52 -6.38
CA ILE C 43 17.35 -10.25 -6.90
C ILE C 43 17.87 -11.27 -7.91
N LEU C 44 17.85 -12.54 -7.52
CA LEU C 44 18.36 -13.64 -8.33
C LEU C 44 17.21 -14.29 -9.09
N VAL C 45 17.46 -14.59 -10.36
CA VAL C 45 16.46 -15.14 -11.27
C VAL C 45 17.11 -16.33 -11.96
N SER C 46 16.38 -17.44 -12.03
CA SER C 46 16.93 -18.66 -12.62
C SER C 46 16.83 -18.60 -14.15
N ARG C 47 17.98 -18.63 -14.81
CA ARG C 47 18.08 -18.67 -16.26
C ARG C 47 18.13 -20.09 -16.79
N SER C 48 17.68 -21.06 -16.01
CA SER C 48 17.68 -22.46 -16.41
C SER C 48 16.37 -22.82 -17.08
N LEU C 49 16.44 -23.77 -18.02
CA LEU C 49 15.22 -24.22 -18.69
C LEU C 49 14.50 -25.29 -17.87
N LYS C 50 15.25 -26.21 -17.25
CA LYS C 50 14.64 -27.24 -16.42
C LYS C 50 14.04 -26.64 -15.15
N MET C 51 14.75 -25.71 -14.51
CA MET C 51 14.37 -25.11 -13.24
C MET C 51 13.88 -23.67 -13.46
N ARG C 52 13.08 -23.48 -14.51
CA ARG C 52 12.57 -22.18 -14.92
C ARG C 52 11.39 -21.75 -14.06
N GLY C 53 11.06 -20.46 -14.15
CA GLY C 53 10.00 -19.91 -13.33
C GLY C 53 10.32 -19.72 -11.87
N GLN C 54 11.59 -19.50 -11.52
CA GLN C 54 12.01 -19.36 -10.12
C GLN C 54 12.84 -18.10 -9.95
N ALA C 55 12.86 -17.60 -8.72
CA ALA C 55 13.62 -16.39 -8.40
C ALA C 55 13.85 -16.29 -6.89
N PHE C 56 14.91 -15.57 -6.53
CA PHE C 56 15.23 -15.25 -5.14
C PHE C 56 15.25 -13.75 -4.95
N VAL C 57 14.59 -13.27 -3.90
CA VAL C 57 14.67 -11.87 -3.49
C VAL C 57 15.32 -11.85 -2.12
N ILE C 58 16.47 -11.22 -2.03
CA ILE C 58 17.29 -11.25 -0.82
C ILE C 58 17.14 -9.91 -0.10
N PHE C 59 16.62 -9.97 1.12
CA PHE C 59 16.43 -8.78 1.93
C PHE C 59 17.52 -8.64 2.97
N LYS C 60 17.74 -7.40 3.40
CA LYS C 60 18.68 -7.13 4.47
C LYS C 60 18.19 -7.71 5.79
N GLU C 61 16.94 -7.43 6.13
CA GLU C 61 16.38 -7.83 7.42
C GLU C 61 15.34 -8.93 7.22
N VAL C 62 15.23 -9.81 8.22
CA VAL C 62 14.26 -10.89 8.17
C VAL C 62 12.84 -10.34 8.29
N SER C 63 12.67 -9.23 9.02
CA SER C 63 11.36 -8.61 9.13
C SER C 63 10.79 -8.27 7.76
N SER C 64 11.64 -7.81 6.84
CA SER C 64 11.20 -7.48 5.51
C SER C 64 10.68 -8.70 4.77
N ALA C 65 11.42 -9.80 4.79
CA ALA C 65 11.00 -11.00 4.06
C ALA C 65 9.68 -11.53 4.60
N THR C 66 9.52 -11.52 5.92
CA THR C 66 8.28 -12.03 6.51
C THR C 66 7.07 -11.25 6.04
N ASN C 67 7.13 -9.92 6.09
CA ASN C 67 6.02 -9.11 5.60
C ASN C 67 5.77 -9.34 4.11
N ALA C 68 6.81 -9.59 3.33
CA ALA C 68 6.62 -9.85 1.90
C ALA C 68 5.88 -11.16 1.68
N LEU C 69 6.29 -12.22 2.37
CA LEU C 69 5.60 -13.50 2.26
C LEU C 69 4.14 -13.35 2.69
N ARG C 70 3.90 -12.63 3.77
CA ARG C 70 2.55 -12.42 4.27
C ARG C 70 1.67 -11.77 3.21
N SER C 71 2.16 -10.71 2.58
CA SER C 71 1.36 -9.83 1.73
C SER C 71 1.28 -10.30 0.28
N MET C 72 2.42 -10.56 -0.35
CA MET C 72 2.44 -10.81 -1.78
C MET C 72 2.22 -12.27 -2.14
N GLN C 73 1.86 -13.11 -1.17
CA GLN C 73 1.61 -14.51 -1.48
C GLN C 73 0.45 -14.62 -2.46
N GLY C 74 0.60 -15.51 -3.44
CA GLY C 74 -0.43 -15.72 -4.43
C GLY C 74 -0.75 -14.51 -5.28
N PHE C 75 0.12 -13.52 -5.31
CA PHE C 75 -0.17 -12.31 -6.07
C PHE C 75 -0.08 -12.58 -7.56
N PRO C 76 -1.11 -12.30 -8.35
CA PRO C 76 -1.01 -12.51 -9.80
C PRO C 76 -0.04 -11.53 -10.43
N PHE C 77 1.12 -12.06 -10.80
CA PHE C 77 2.22 -11.29 -11.35
C PHE C 77 2.40 -11.70 -12.79
N TYR C 78 2.14 -10.78 -13.71
CA TYR C 78 2.02 -11.09 -15.13
C TYR C 78 0.91 -12.11 -15.35
N ASP C 79 -0.21 -11.91 -14.64
CA ASP C 79 -1.38 -12.77 -14.67
C ASP C 79 -1.09 -14.18 -14.14
N LYS C 80 0.10 -14.43 -13.59
CA LYS C 80 0.44 -15.71 -12.99
C LYS C 80 0.70 -15.50 -11.51
N PRO C 81 -0.07 -16.14 -10.61
CA PRO C 81 0.12 -15.91 -9.18
C PRO C 81 1.41 -16.54 -8.68
N MET C 82 2.27 -15.72 -8.10
CA MET C 82 3.55 -16.22 -7.61
C MET C 82 3.35 -16.90 -6.28
N ARG C 83 4.20 -17.91 -6.02
CA ARG C 83 4.10 -18.72 -4.81
C ARG C 83 5.38 -18.55 -4.01
N ILE C 84 5.29 -17.90 -2.85
CA ILE C 84 6.45 -17.49 -2.06
C ILE C 84 6.65 -18.42 -0.88
N GLN C 85 7.90 -18.85 -0.66
CA GLN C 85 8.32 -19.54 0.54
C GLN C 85 9.57 -18.87 1.09
N TYR C 86 9.96 -19.20 2.29
CA TYR C 86 11.20 -18.74 2.84
C TYR C 86 12.26 -19.54 2.13
N ALA C 87 13.39 -18.97 1.82
CA ALA C 87 14.35 -19.77 1.11
C ALA C 87 14.88 -20.83 1.99
N LYS C 88 15.22 -21.98 1.44
CA LYS C 88 15.82 -23.01 2.27
C LYS C 88 17.14 -22.44 2.61
N THR C 89 17.55 -22.55 3.86
CA THR C 89 18.77 -21.91 4.34
C THR C 89 19.95 -22.26 3.55
N ASP C 90 20.63 -21.20 3.14
CA ASP C 90 21.82 -21.17 2.30
C ASP C 90 21.58 -21.49 0.85
N SER C 91 20.34 -21.59 0.41
CA SER C 91 20.12 -21.86 -0.99
C SER C 91 20.48 -20.79 -1.97
N ASP C 92 20.26 -19.55 -1.62
CA ASP C 92 20.51 -18.52 -2.57
C ASP C 92 21.90 -18.45 -2.96
N ILE C 93 22.80 -18.53 -2.03
CA ILE C 93 24.19 -18.46 -2.39
C ILE C 93 24.63 -19.65 -3.18
N ILE C 94 24.24 -20.83 -2.75
CA ILE C 94 24.61 -22.03 -3.49
C ILE C 94 24.08 -21.97 -4.92
N ALA C 95 22.94 -21.29 -5.13
CA ALA C 95 22.45 -21.10 -6.49
C ALA C 95 23.28 -20.06 -7.24
N LYS C 96 23.66 -18.97 -6.56
CA LYS C 96 24.45 -17.94 -7.21
C LYS C 96 25.83 -18.45 -7.61
N MET C 97 26.40 -19.37 -6.84
CA MET C 97 27.69 -19.97 -7.19
C MET C 97 27.56 -20.88 -8.41
N LYS C 98 26.61 -21.81 -8.38
CA LYS C 98 26.50 -22.80 -9.43
C LYS C 98 25.94 -22.19 -10.70
N GLY C 99 25.74 -20.88 -10.68
CA GLY C 99 25.25 -20.13 -11.82
C GLY C 99 23.81 -20.38 -12.24
N THR C 100 23.14 -21.35 -11.63
CA THR C 100 21.76 -21.62 -12.02
C THR C 100 20.87 -20.40 -11.87
N PHE C 101 21.28 -19.43 -11.04
CA PHE C 101 20.54 -18.19 -10.85
C PHE C 101 21.49 -17.02 -11.11
N VAL C 102 20.94 -15.95 -11.67
CA VAL C 102 21.77 -14.80 -12.03
C VAL C 102 21.11 -13.48 -11.69
N GLU D 5 1.76 -20.26 7.05
CA GLU D 5 1.10 -19.06 7.56
C GLU D 5 -0.42 -19.16 7.44
N THR D 6 -1.07 -18.08 7.02
CA THR D 6 -2.53 -18.00 6.99
C THR D 6 -3.06 -18.01 5.57
N ARG D 7 -4.36 -18.27 5.45
CA ARG D 7 -5.09 -18.24 4.20
C ARG D 7 -6.03 -17.05 4.16
N PRO D 8 -6.46 -16.64 2.97
CA PRO D 8 -7.26 -15.40 2.85
C PRO D 8 -8.57 -15.39 3.61
N ASN D 9 -8.53 -14.89 4.84
CA ASN D 9 -9.75 -14.63 5.60
C ASN D 9 -10.19 -13.19 5.36
N HIS D 10 -11.47 -12.93 5.60
CA HIS D 10 -11.97 -11.56 5.48
C HIS D 10 -11.54 -10.67 6.65
N THR D 11 -11.16 -11.26 7.78
CA THR D 11 -10.61 -10.50 8.90
C THR D 11 -9.08 -10.46 8.81
N ILE D 12 -8.49 -9.33 9.18
CA ILE D 12 -7.04 -9.19 9.26
C ILE D 12 -6.61 -9.02 10.70
N TYR D 13 -5.46 -9.58 11.04
CA TYR D 13 -4.88 -9.49 12.38
C TYR D 13 -3.72 -8.51 12.34
N ILE D 14 -3.85 -7.43 13.09
CA ILE D 14 -2.80 -6.42 13.21
C ILE D 14 -2.18 -6.56 14.59
N ASN D 15 -0.84 -6.54 14.65
CA ASN D 15 -0.14 -6.55 15.92
C ASN D 15 1.03 -5.59 15.82
N ASN D 16 1.85 -5.54 16.89
CA ASN D 16 2.89 -4.54 17.05
C ASN D 16 2.32 -3.13 17.07
N LEU D 17 1.19 -2.97 17.74
CA LEU D 17 0.57 -1.67 17.93
C LEU D 17 1.06 -1.00 19.22
N ASN D 18 0.93 0.31 19.27
CA ASN D 18 1.38 1.10 20.43
C ASN D 18 0.47 0.86 21.63
N GLU D 19 1.01 0.24 22.68
CA GLU D 19 0.19 -0.12 23.84
C GLU D 19 -0.23 1.11 24.66
N LYS D 20 0.50 2.23 24.53
CA LYS D 20 0.23 3.40 25.34
C LYS D 20 -1.09 4.08 24.97
N ILE D 21 -1.74 3.67 23.90
CA ILE D 21 -2.92 4.36 23.40
C ILE D 21 -4.16 3.72 24.01
N LYS D 22 -5.09 4.55 24.44
CA LYS D 22 -6.32 4.05 25.02
C LYS D 22 -7.12 3.27 23.98
N LYS D 23 -7.96 2.36 24.47
CA LYS D 23 -8.73 1.49 23.58
C LYS D 23 -9.65 2.28 22.67
N ASP D 24 -10.26 3.35 23.21
CA ASP D 24 -11.24 4.10 22.44
C ASP D 24 -10.59 4.83 21.26
N GLU D 25 -9.44 5.45 21.51
CA GLU D 25 -8.72 6.11 20.43
C GLU D 25 -8.28 5.12 19.36
N LEU D 26 -7.74 3.97 19.77
CA LEU D 26 -7.19 3.01 18.82
C LEU D 26 -8.27 2.48 17.89
N LYS D 27 -9.40 2.05 18.44
CA LYS D 27 -10.51 1.56 17.62
C LYS D 27 -10.89 2.58 16.56
N LYS D 28 -11.06 3.84 16.97
CA LYS D 28 -11.48 4.88 16.04
C LYS D 28 -10.37 5.27 15.06
N SER D 29 -9.12 5.32 15.53
CA SER D 29 -8.03 5.70 14.65
C SER D 29 -7.75 4.62 13.60
N LEU D 30 -7.93 3.35 13.94
CA LEU D 30 -7.78 2.31 12.93
C LEU D 30 -8.83 2.45 11.86
N TYR D 31 -10.07 2.74 12.25
CA TYR D 31 -11.13 2.96 11.28
C TYR D 31 -10.77 4.08 10.31
N ALA D 32 -10.03 5.09 10.77
CA ALA D 32 -9.68 6.21 9.89
C ALA D 32 -8.86 5.75 8.70
N ILE D 33 -8.00 4.76 8.88
CA ILE D 33 -7.10 4.34 7.82
C ILE D 33 -7.65 3.17 7.02
N PHE D 34 -8.31 2.21 7.66
CA PHE D 34 -8.75 1.00 6.98
C PHE D 34 -10.16 1.12 6.39
N SER D 35 -10.86 2.23 6.62
CA SER D 35 -12.20 2.40 6.04
C SER D 35 -12.16 2.48 4.52
N GLN D 36 -11.03 2.88 3.93
CA GLN D 36 -10.94 3.06 2.50
C GLN D 36 -11.11 1.75 1.73
N PHE D 37 -10.82 0.62 2.35
CA PHE D 37 -10.77 -0.65 1.63
C PHE D 37 -12.12 -1.34 1.51
N GLY D 38 -13.13 -0.88 2.23
CA GLY D 38 -14.44 -1.50 2.12
C GLY D 38 -15.22 -1.28 3.39
N GLN D 39 -16.27 -2.08 3.53
CA GLN D 39 -17.14 -2.01 4.68
C GLN D 39 -16.53 -2.78 5.84
N ILE D 40 -16.39 -2.12 6.97
CA ILE D 40 -15.87 -2.73 8.19
C ILE D 40 -17.04 -3.08 9.10
N LEU D 41 -17.03 -4.29 9.65
CA LEU D 41 -18.06 -4.73 10.58
C LEU D 41 -17.71 -4.41 12.02
N ASP D 42 -16.50 -4.77 12.45
CA ASP D 42 -16.06 -4.52 13.81
C ASP D 42 -14.56 -4.30 13.83
N ILE D 43 -14.09 -3.63 14.88
CA ILE D 43 -12.68 -3.46 15.15
C ILE D 43 -12.45 -3.90 16.59
N LEU D 44 -11.84 -5.06 16.77
CA LEU D 44 -11.60 -5.64 18.09
C LEU D 44 -10.18 -5.33 18.53
N VAL D 45 -10.02 -4.99 19.79
CA VAL D 45 -8.73 -4.59 20.34
C VAL D 45 -8.47 -5.36 21.63
N SER D 46 -7.30 -6.00 21.71
CA SER D 46 -6.84 -6.69 22.91
C SER D 46 -7.11 -5.86 24.16
N ARG D 47 -7.86 -6.43 25.10
CA ARG D 47 -8.23 -5.73 26.31
C ARG D 47 -7.19 -5.86 27.42
N SER D 48 -5.96 -6.17 27.09
CA SER D 48 -4.99 -6.19 28.14
C SER D 48 -3.89 -5.27 27.75
N LEU D 49 -3.71 -4.19 28.50
CA LEU D 49 -2.64 -3.22 28.25
C LEU D 49 -1.25 -3.78 28.51
N LYS D 50 -1.15 -4.78 29.37
CA LYS D 50 0.13 -5.39 29.62
C LYS D 50 0.63 -6.02 28.36
N MET D 51 -0.25 -6.76 27.71
CA MET D 51 0.09 -7.49 26.50
C MET D 51 -0.71 -7.05 25.29
N ARG D 52 -0.93 -5.74 25.15
CA ARG D 52 -1.69 -5.17 24.04
C ARG D 52 -0.85 -4.99 22.79
N GLY D 53 -1.34 -4.18 21.87
CA GLY D 53 -0.59 -4.03 20.66
C GLY D 53 -1.10 -5.01 19.68
N GLN D 54 -2.29 -5.50 19.91
CA GLN D 54 -2.93 -6.40 18.96
C GLN D 54 -4.31 -5.88 18.63
N ALA D 55 -4.81 -6.24 17.46
CA ALA D 55 -6.13 -5.79 17.04
C ALA D 55 -6.65 -6.65 15.91
N PHE D 56 -7.98 -6.69 15.78
CA PHE D 56 -8.67 -7.33 14.67
C PHE D 56 -9.53 -6.31 13.96
N VAL D 57 -9.44 -6.28 12.63
CA VAL D 57 -10.31 -5.47 11.79
C VAL D 57 -11.10 -6.43 10.91
N ILE D 58 -12.42 -6.42 11.06
CA ILE D 58 -13.28 -7.38 10.38
C ILE D 58 -13.94 -6.67 9.19
N PHE D 59 -13.67 -7.16 8.00
CA PHE D 59 -14.22 -6.63 6.77
C PHE D 59 -15.37 -7.51 6.29
N LYS D 60 -16.28 -6.90 5.51
CA LYS D 60 -17.37 -7.68 4.93
C LYS D 60 -16.84 -8.68 3.91
N GLU D 61 -16.02 -8.21 2.98
CA GLU D 61 -15.51 -9.03 1.89
C GLU D 61 -14.02 -9.30 2.07
N VAL D 62 -13.59 -10.46 1.56
CA VAL D 62 -12.18 -10.81 1.65
C VAL D 62 -11.35 -9.89 0.76
N SER D 63 -11.95 -9.36 -0.32
CA SER D 63 -11.25 -8.42 -1.17
C SER D 63 -10.73 -7.22 -0.39
N SER D 64 -11.53 -6.74 0.56
CA SER D 64 -11.09 -5.63 1.40
C SER D 64 -9.88 -6.01 2.24
N ALA D 65 -9.96 -7.18 2.89
CA ALA D 65 -8.86 -7.63 3.74
C ALA D 65 -7.58 -7.83 2.94
N THR D 66 -7.70 -8.42 1.74
CA THR D 66 -6.52 -8.64 0.90
C THR D 66 -5.89 -7.32 0.50
N ASN D 67 -6.69 -6.40 -0.04
CA ASN D 67 -6.17 -5.10 -0.45
C ASN D 67 -5.57 -4.33 0.73
N ALA D 68 -6.16 -4.48 1.91
CA ALA D 68 -5.65 -3.79 3.10
C ALA D 68 -4.30 -4.33 3.51
N LEU D 69 -4.15 -5.65 3.48
CA LEU D 69 -2.88 -6.29 3.81
C LEU D 69 -1.77 -5.82 2.87
N ARG D 70 -2.06 -5.79 1.57
CA ARG D 70 -1.07 -5.35 0.59
C ARG D 70 -0.60 -3.91 0.85
N SER D 71 -1.55 -3.00 1.06
CA SER D 71 -1.23 -1.57 1.05
C SER D 71 -0.74 -1.06 2.41
N MET D 72 -1.47 -1.34 3.49
CA MET D 72 -1.13 -0.78 4.80
C MET D 72 -0.08 -1.60 5.53
N GLN D 73 0.56 -2.55 4.87
CA GLN D 73 1.61 -3.32 5.52
C GLN D 73 2.76 -2.43 5.92
N GLY D 74 3.28 -2.66 7.13
CA GLY D 74 4.40 -1.87 7.61
C GLY D 74 4.13 -0.39 7.77
N PHE D 75 2.87 0.00 7.80
CA PHE D 75 2.52 1.41 7.89
C PHE D 75 2.85 1.96 9.28
N PRO D 76 3.63 3.02 9.40
CA PRO D 76 3.91 3.59 10.72
C PRO D 76 2.66 4.18 11.35
N PHE D 77 2.10 3.48 12.32
CA PHE D 77 0.86 3.87 12.96
C PHE D 77 1.21 4.20 14.41
N TYR D 78 1.11 5.48 14.78
CA TYR D 78 1.64 5.97 16.04
C TYR D 78 3.15 5.74 16.13
N ASP D 79 3.83 6.00 15.02
CA ASP D 79 5.27 5.84 14.86
C ASP D 79 5.75 4.41 15.02
N LYS D 80 4.83 3.45 15.13
CA LYS D 80 5.17 2.04 15.18
C LYS D 80 4.64 1.35 13.94
N PRO D 81 5.49 0.76 13.10
CA PRO D 81 4.98 0.11 11.88
C PRO D 81 4.24 -1.15 12.25
N MET D 82 2.97 -1.21 11.84
CA MET D 82 2.14 -2.36 12.18
C MET D 82 2.43 -3.53 11.27
N ARG D 83 2.24 -4.73 11.81
CA ARG D 83 2.49 -5.98 11.10
C ARG D 83 1.16 -6.67 10.87
N ILE D 84 0.72 -6.68 9.62
CA ILE D 84 -0.61 -7.15 9.25
C ILE D 84 -0.49 -8.55 8.68
N GLN D 85 -1.36 -9.43 9.13
CA GLN D 85 -1.51 -10.76 8.56
C GLN D 85 -2.99 -10.99 8.26
N TYR D 86 -3.26 -12.05 7.51
CA TYR D 86 -4.61 -12.58 7.52
C TYR D 86 -4.87 -13.18 8.88
N ALA D 87 -6.06 -12.96 9.42
CA ALA D 87 -6.40 -13.51 10.71
C ALA D 87 -6.67 -15.00 10.55
N LYS D 88 -6.44 -15.74 11.63
CA LYS D 88 -6.76 -17.16 11.57
C LYS D 88 -8.27 -17.30 11.35
N THR D 89 -8.71 -18.50 11.01
CA THR D 89 -10.07 -18.64 10.54
C THR D 89 -11.04 -18.73 11.70
N ASP D 90 -12.07 -17.87 11.67
CA ASP D 90 -13.11 -17.78 12.71
C ASP D 90 -12.50 -17.51 14.09
N SER D 91 -11.27 -17.01 14.13
CA SER D 91 -10.62 -16.67 15.39
C SER D 91 -10.94 -15.26 15.86
N ASP D 92 -11.45 -14.41 14.97
CA ASP D 92 -11.86 -13.07 15.40
C ASP D 92 -13.03 -13.16 16.37
N ILE D 93 -13.93 -14.11 16.15
CA ILE D 93 -15.10 -14.25 17.02
C ILE D 93 -14.70 -14.91 18.34
N ILE D 94 -13.73 -15.82 18.30
CA ILE D 94 -13.35 -16.56 19.50
C ILE D 94 -12.91 -15.61 20.61
N ALA D 95 -12.03 -14.66 20.27
CA ALA D 95 -11.55 -13.71 21.27
C ALA D 95 -12.66 -12.75 21.69
N LYS D 96 -13.58 -12.45 20.77
CA LYS D 96 -14.70 -11.58 21.11
C LYS D 96 -15.58 -12.23 22.18
N MET D 97 -15.97 -13.49 21.96
CA MET D 97 -16.72 -14.22 22.97
C MET D 97 -15.91 -14.36 24.26
N LYS D 98 -14.64 -14.73 24.14
CA LYS D 98 -13.78 -14.95 25.30
C LYS D 98 -13.37 -13.65 25.98
N GLY D 99 -13.83 -12.49 25.48
CA GLY D 99 -13.56 -11.23 26.13
C GLY D 99 -12.14 -10.71 25.98
N THR D 100 -11.78 -10.31 24.77
CA THR D 100 -10.54 -9.58 24.55
C THR D 100 -10.75 -8.55 23.45
N PHE D 101 -11.79 -7.73 23.61
CA PHE D 101 -12.17 -6.75 22.60
C PHE D 101 -12.30 -5.35 23.19
#